data_3ELB
#
_entry.id   3ELB
#
_cell.length_a   74.179
_cell.length_b   74.179
_cell.length_c   139.723
_cell.angle_alpha   90.00
_cell.angle_beta   90.00
_cell.angle_gamma   90.00
#
_symmetry.space_group_name_H-M   'P 41 21 2'
#
loop_
_entity.id
_entity.type
_entity.pdbx_description
1 polymer 'Ethanolamine-phosphate cytidylyltransferase'
2 non-polymer "CYTIDINE-5'-MONOPHOSPHATE"
3 non-polymer GLYCEROL
4 water water
#
_entity_poly.entity_id   1
_entity_poly.type   'polypeptide(L)'
_entity_poly.pdbx_seq_one_letter_code
;S(MSE)GGRRAVRVWCDGCYD(MSE)VHYGHSNQLRQARA(MSE)GDYLIVGVHTDEEIAKHKGPPVFTQEERYK(MSE)
VQAIKWVDEVVPAAPYVTTLETLDKYNCDFCVHGNDITLTVDGRDTYEEVKQAGRYRECKRTQGVSTTDLVGR(MSE)LL
VTKAHHSSQE(MSE)SSEYREYADSFGKCPGGRNPWTGVSQFLQTSQKIIQFASGKEPQPGETVIYVAGAFDLFHIGHVD
FLEKVHRLAERPYIIAGLHFDQEVNHYKGKNYPI(MSE)NLHERTLSVLACRYVSEVVIGAPYAVTAELLSHFKVDLVCH
GKTEIIPDRDGSDPYQEPKRRGIFRQIDSGSNLTTDLIVQRIITNRLEY
;
_entity_poly.pdbx_strand_id   A
#
loop_
_chem_comp.id
_chem_comp.type
_chem_comp.name
_chem_comp.formula
C5P non-polymer CYTIDINE-5'-MONOPHOSPHATE 'C9 H14 N3 O8 P'
GOL non-polymer GLYCEROL 'C3 H8 O3'
#
# COMPACT_ATOMS: atom_id res chain seq x y z
N GLY A 4 -29.27 -11.08 12.16
CA GLY A 4 -28.84 -9.70 12.54
C GLY A 4 -28.29 -8.91 11.36
N ARG A 5 -28.11 -9.58 10.21
CA ARG A 5 -27.92 -8.86 8.95
C ARG A 5 -28.54 -9.50 7.68
N ARG A 6 -28.05 -10.60 7.11
CA ARG A 6 -26.85 -11.34 7.47
C ARG A 6 -25.61 -10.69 6.86
N ALA A 7 -24.43 -11.14 7.28
CA ALA A 7 -23.18 -10.57 6.79
C ALA A 7 -23.02 -10.92 5.32
N VAL A 8 -22.51 -9.98 4.55
CA VAL A 8 -22.13 -10.26 3.16
C VAL A 8 -20.60 -10.36 3.08
N ARG A 9 -20.13 -11.54 2.72
CA ARG A 9 -18.72 -11.83 2.65
C ARG A 9 -18.35 -11.74 1.17
N VAL A 10 -17.30 -10.98 0.87
CA VAL A 10 -16.87 -10.69 -0.50
C VAL A 10 -15.51 -11.32 -0.78
N TRP A 11 -15.36 -11.88 -1.98
CA TRP A 11 -14.14 -12.52 -2.46
C TRP A 11 -13.49 -11.69 -3.57
N CYS A 12 -12.15 -11.54 -3.49
CA CYS A 12 -11.32 -11.14 -4.62
C CYS A 12 -10.22 -12.14 -4.71
N ASP A 13 -9.62 -12.25 -5.89
CA ASP A 13 -8.34 -12.97 -6.01
C ASP A 13 -7.45 -12.35 -7.08
N GLY A 14 -6.19 -12.75 -7.08
CA GLY A 14 -5.22 -12.14 -7.98
C GLY A 14 -3.81 -12.50 -7.65
N CYS A 15 -2.90 -11.98 -8.44
CA CYS A 15 -1.47 -12.18 -8.24
C CYS A 15 -0.93 -11.23 -7.17
N TYR A 16 -1.37 -9.97 -7.19
CA TYR A 16 -0.86 -8.95 -6.26
C TYR A 16 0.67 -8.93 -6.25
N ASP A 17 1.24 -8.89 -7.45
CA ASP A 17 2.67 -8.84 -7.64
C ASP A 17 3.02 -7.36 -7.94
N MSE A 18 3.72 -6.69 -7.04
CA MSE A 18 3.98 -5.23 -7.17
C MSE A 18 2.65 -4.50 -6.90
O MSE A 18 2.09 -3.86 -7.78
CB MSE A 18 4.54 -4.93 -8.59
CG MSE A 18 4.94 -3.49 -8.91
SE MSE A 18 6.26 -2.75 -7.68
CE MSE A 18 5.08 -1.83 -6.40
N VAL A 19 2.17 -4.59 -5.67
CA VAL A 19 0.92 -3.97 -5.26
C VAL A 19 1.05 -2.45 -5.36
N HIS A 20 0.07 -1.81 -5.96
CA HIS A 20 0.04 -0.35 -6.02
C HIS A 20 -1.34 0.14 -5.65
N TYR A 21 -1.54 1.45 -5.65
CA TYR A 21 -2.79 2.00 -5.11
C TYR A 21 -4.02 1.62 -5.96
N GLY A 22 -3.81 1.23 -7.21
CA GLY A 22 -4.86 0.57 -7.99
C GLY A 22 -5.42 -0.72 -7.40
N HIS A 23 -4.54 -1.63 -7.00
CA HIS A 23 -4.97 -2.84 -6.31
C HIS A 23 -5.71 -2.45 -5.04
N SER A 24 -5.13 -1.51 -4.30
CA SER A 24 -5.74 -1.02 -3.06
C SER A 24 -7.13 -0.46 -3.27
N ASN A 25 -7.31 0.35 -4.31
CA ASN A 25 -8.60 0.96 -4.56
C ASN A 25 -9.63 -0.08 -4.99
N GLN A 26 -9.19 -1.10 -5.73
CA GLN A 26 -10.09 -2.19 -6.10
C GLN A 26 -10.55 -2.97 -4.85
N LEU A 27 -9.62 -3.26 -3.94
CA LEU A 27 -9.98 -3.94 -2.69
C LEU A 27 -10.90 -3.09 -1.82
N ARG A 28 -10.66 -1.78 -1.79
CA ARG A 28 -11.56 -0.85 -1.07
C ARG A 28 -12.98 -0.96 -1.59
N GLN A 29 -13.09 -0.98 -2.92
CA GLN A 29 -14.38 -1.04 -3.59
C GLN A 29 -15.10 -2.35 -3.27
N ALA A 30 -14.36 -3.42 -3.32
CA ALA A 30 -14.91 -4.74 -3.03
C ALA A 30 -15.43 -4.79 -1.60
N ARG A 31 -14.65 -4.26 -0.66
CA ARG A 31 -15.07 -4.27 0.75
C ARG A 31 -16.32 -3.39 0.96
N ALA A 32 -16.43 -2.29 0.22
CA ALA A 32 -17.63 -1.42 0.32
C ALA A 32 -18.95 -2.08 -0.16
N MSE A 33 -18.83 -3.15 -0.94
CA MSE A 33 -19.98 -3.94 -1.39
C MSE A 33 -20.47 -4.99 -0.39
O MSE A 33 -21.43 -5.69 -0.67
CB MSE A 33 -19.61 -4.66 -2.70
CG MSE A 33 -19.33 -3.71 -3.86
SE MSE A 33 -18.92 -4.72 -5.46
CE MSE A 33 -17.90 -3.34 -6.47
N GLY A 34 -19.81 -5.11 0.76
CA GLY A 34 -20.25 -6.08 1.76
C GLY A 34 -19.75 -5.74 3.14
N ASP A 35 -19.55 -6.75 3.96
CA ASP A 35 -19.21 -6.51 5.37
C ASP A 35 -17.84 -7.04 5.70
N TYR A 36 -17.28 -7.84 4.80
CA TYR A 36 -16.07 -8.60 5.10
C TYR A 36 -15.41 -8.95 3.79
N LEU A 37 -14.08 -8.87 3.72
CA LEU A 37 -13.34 -9.13 2.50
C LEU A 37 -12.25 -10.16 2.64
N ILE A 38 -12.31 -11.17 1.79
CA ILE A 38 -11.33 -12.23 1.77
C ILE A 38 -10.67 -12.22 0.42
N VAL A 39 -9.35 -12.31 0.39
CA VAL A 39 -8.60 -12.18 -0.83
C VAL A 39 -7.77 -13.43 -1.08
N GLY A 40 -8.09 -14.15 -2.15
CA GLY A 40 -7.28 -15.32 -2.56
C GLY A 40 -6.04 -14.89 -3.34
N VAL A 41 -4.87 -15.35 -2.93
CA VAL A 41 -3.63 -15.00 -3.61
C VAL A 41 -2.95 -16.23 -4.16
N HIS A 42 -2.55 -16.20 -5.43
CA HIS A 42 -2.04 -17.39 -6.12
C HIS A 42 -0.58 -17.66 -5.72
N THR A 43 -0.19 -18.94 -5.77
CA THR A 43 1.19 -19.36 -5.53
C THR A 43 2.11 -18.94 -6.69
N ASP A 44 3.41 -18.83 -6.43
CA ASP A 44 4.38 -18.60 -7.50
C ASP A 44 4.21 -19.62 -8.64
N GLU A 45 4.08 -20.91 -8.29
CA GLU A 45 3.93 -22.01 -9.28
C GLU A 45 2.70 -21.81 -10.14
N GLU A 46 1.56 -21.57 -9.50
CA GLU A 46 0.31 -21.40 -10.23
C GLU A 46 0.38 -20.24 -11.22
N ILE A 47 1.03 -19.16 -10.81
CA ILE A 47 1.20 -18.00 -11.68
C ILE A 47 2.13 -18.35 -12.85
N ALA A 48 3.27 -19.00 -12.56
CA ALA A 48 4.25 -19.37 -13.62
C ALA A 48 3.59 -20.24 -14.72
N LYS A 49 2.69 -21.14 -14.34
CA LYS A 49 1.89 -21.90 -15.30
C LYS A 49 1.19 -21.02 -16.34
N HIS A 50 0.68 -19.89 -15.91
CA HIS A 50 -0.17 -19.05 -16.78
C HIS A 50 0.54 -17.90 -17.45
N LYS A 51 1.61 -17.42 -16.84
CA LYS A 51 2.38 -16.33 -17.42
C LYS A 51 3.76 -16.39 -16.81
N GLY A 52 4.59 -15.36 -16.97
CA GLY A 52 5.89 -15.39 -16.32
C GLY A 52 5.80 -15.65 -14.82
N PRO A 53 6.89 -16.12 -14.20
CA PRO A 53 6.89 -16.17 -12.73
C PRO A 53 6.85 -14.75 -12.12
N PRO A 54 6.30 -14.61 -10.91
CA PRO A 54 6.17 -13.29 -10.28
C PRO A 54 7.49 -12.72 -9.76
N VAL A 55 7.55 -11.39 -9.66
CA VAL A 55 8.70 -10.72 -9.08
C VAL A 55 8.81 -11.02 -7.60
N PHE A 56 7.68 -10.95 -6.89
CA PHE A 56 7.71 -11.13 -5.46
C PHE A 56 7.25 -12.52 -5.09
N THR A 57 7.88 -13.07 -4.06
CA THR A 57 7.56 -14.42 -3.60
C THR A 57 6.15 -14.43 -3.03
N GLN A 58 5.51 -15.59 -3.09
CA GLN A 58 4.15 -15.74 -2.59
C GLN A 58 4.03 -15.24 -1.16
N GLU A 59 5.03 -15.48 -0.31
CA GLU A 59 4.90 -15.04 1.08
C GLU A 59 5.02 -13.49 1.20
N GLU A 60 5.82 -12.87 0.33
CA GLU A 60 5.84 -11.40 0.23
C GLU A 60 4.48 -10.87 -0.21
N ARG A 61 3.88 -11.53 -1.21
CA ARG A 61 2.63 -11.07 -1.77
C ARG A 61 1.49 -11.24 -0.77
N TYR A 62 1.51 -12.35 -0.04
CA TYR A 62 0.53 -12.61 1.00
C TYR A 62 0.56 -11.50 2.06
N LYS A 63 1.77 -11.12 2.45
CA LYS A 63 1.95 -10.19 3.55
C LYS A 63 1.48 -8.77 3.14
N MSE A 64 1.89 -8.37 1.94
CA MSE A 64 1.49 -7.08 1.37
C MSE A 64 -0.04 -6.94 1.32
O MSE A 64 -0.60 -5.96 1.81
CB MSE A 64 2.10 -6.95 -0.04
CG MSE A 64 2.05 -5.58 -0.65
SE MSE A 64 3.00 -4.13 0.36
CE MSE A 64 1.40 -3.03 0.72
N VAL A 65 -0.72 -7.94 0.77
CA VAL A 65 -2.20 -7.90 0.67
C VAL A 65 -2.84 -7.80 2.05
N GLN A 66 -2.34 -8.56 3.01
CA GLN A 66 -2.88 -8.55 4.38
C GLN A 66 -2.71 -7.19 5.07
N ALA A 67 -1.68 -6.43 4.67
CA ALA A 67 -1.41 -5.09 5.23
C ALA A 67 -2.39 -4.00 4.75
N ILE A 68 -3.04 -4.23 3.60
CA ILE A 68 -4.08 -3.33 3.10
C ILE A 68 -5.28 -3.37 3.98
N LYS A 69 -5.73 -2.21 4.45
CA LYS A 69 -6.62 -2.14 5.58
C LYS A 69 -8.02 -2.67 5.33
N TRP A 70 -8.44 -2.71 4.06
CA TRP A 70 -9.75 -3.23 3.72
C TRP A 70 -9.86 -4.77 3.72
N VAL A 71 -8.71 -5.44 3.69
CA VAL A 71 -8.61 -6.89 3.61
C VAL A 71 -8.74 -7.51 5.01
N ASP A 72 -9.68 -8.42 5.19
CA ASP A 72 -9.83 -9.12 6.48
C ASP A 72 -9.01 -10.41 6.55
N GLU A 73 -8.95 -11.15 5.45
CA GLU A 73 -8.06 -12.30 5.39
C GLU A 73 -7.56 -12.65 4.00
N VAL A 74 -6.39 -13.28 3.99
CA VAL A 74 -5.77 -13.74 2.79
C VAL A 74 -5.86 -15.26 2.76
N VAL A 75 -6.32 -15.79 1.64
CA VAL A 75 -6.29 -17.22 1.41
C VAL A 75 -5.12 -17.51 0.50
N PRO A 76 -4.06 -18.16 1.03
CA PRO A 76 -2.95 -18.52 0.16
C PRO A 76 -3.34 -19.64 -0.81
N ALA A 77 -2.63 -19.76 -1.91
CA ALA A 77 -2.83 -20.81 -2.92
C ALA A 77 -4.21 -20.85 -3.56
N ALA A 78 -4.82 -19.69 -3.78
CA ALA A 78 -6.09 -19.60 -4.48
C ALA A 78 -5.94 -19.97 -5.95
N PRO A 79 -6.90 -20.74 -6.51
CA PRO A 79 -6.77 -21.09 -7.93
C PRO A 79 -6.81 -19.83 -8.81
N TYR A 80 -6.21 -19.95 -10.00
CA TYR A 80 -6.06 -18.84 -10.90
C TYR A 80 -7.39 -18.22 -11.29
N VAL A 81 -8.39 -19.07 -11.53
CA VAL A 81 -9.72 -18.61 -11.93
C VAL A 81 -10.68 -18.87 -10.80
N THR A 82 -11.45 -17.83 -10.45
CA THR A 82 -12.49 -17.93 -9.45
C THR A 82 -13.55 -18.96 -9.85
N THR A 83 -13.91 -19.86 -8.94
CA THR A 83 -15.02 -20.80 -9.16
C THR A 83 -16.06 -20.71 -8.07
N LEU A 84 -17.29 -21.16 -8.40
CA LEU A 84 -18.36 -21.32 -7.41
C LEU A 84 -17.91 -22.19 -6.25
N GLU A 85 -17.11 -23.22 -6.53
CA GLU A 85 -16.58 -24.08 -5.49
C GLU A 85 -15.74 -23.31 -4.47
N THR A 86 -14.91 -22.39 -4.96
CA THR A 86 -14.08 -21.59 -4.06
C THR A 86 -14.93 -20.61 -3.25
N LEU A 87 -15.87 -19.94 -3.91
CA LEU A 87 -16.78 -19.01 -3.22
C LEU A 87 -17.63 -19.73 -2.14
N ASP A 88 -18.08 -20.95 -2.42
CA ASP A 88 -18.79 -21.74 -1.42
C ASP A 88 -17.86 -22.16 -0.30
N LYS A 89 -16.65 -22.62 -0.62
CA LYS A 89 -15.67 -23.01 0.38
C LYS A 89 -15.40 -21.93 1.42
N TYR A 90 -15.36 -20.68 0.99
CA TYR A 90 -15.13 -19.57 1.92
C TYR A 90 -16.41 -18.81 2.24
N ASN A 91 -17.56 -19.38 1.84
CA ASN A 91 -18.85 -18.77 2.14
C ASN A 91 -18.91 -17.28 1.73
N CYS A 92 -18.46 -16.99 0.51
CA CYS A 92 -18.57 -15.64 -0.06
C CYS A 92 -19.77 -15.56 -1.00
N ASP A 93 -20.56 -14.51 -0.86
CA ASP A 93 -21.75 -14.32 -1.69
C ASP A 93 -21.41 -14.06 -3.16
N PHE A 94 -20.35 -13.31 -3.43
CA PHE A 94 -19.92 -13.02 -4.80
C PHE A 94 -18.44 -12.64 -4.83
N CYS A 95 -17.85 -12.68 -6.02
CA CYS A 95 -16.49 -12.23 -6.22
C CYS A 95 -16.53 -10.87 -6.91
N VAL A 96 -15.43 -10.12 -6.81
CA VAL A 96 -15.35 -8.80 -7.42
C VAL A 96 -14.07 -8.74 -8.21
N HIS A 97 -14.17 -8.44 -9.50
CA HIS A 97 -13.02 -8.29 -10.41
C HIS A 97 -13.18 -6.99 -11.22
N GLY A 98 -12.14 -6.57 -11.92
CA GLY A 98 -12.18 -5.38 -12.79
C GLY A 98 -12.95 -5.62 -14.08
N ASN A 99 -13.03 -4.64 -14.96
CA ASN A 99 -13.77 -4.80 -16.23
C ASN A 99 -12.91 -5.19 -17.44
N ASP A 100 -11.83 -5.93 -17.21
CA ASP A 100 -11.02 -6.43 -18.31
C ASP A 100 -11.77 -7.49 -19.11
N ILE A 101 -11.53 -7.52 -20.42
CA ILE A 101 -12.07 -8.58 -21.26
CA ILE A 101 -12.06 -8.57 -21.26
C ILE A 101 -11.31 -9.85 -20.90
N THR A 102 -12.06 -10.91 -20.57
CA THR A 102 -11.49 -12.14 -20.06
C THR A 102 -12.16 -13.31 -20.78
N LEU A 103 -11.65 -13.63 -21.96
CA LEU A 103 -12.26 -14.66 -22.80
C LEU A 103 -11.30 -15.79 -23.00
N THR A 104 -11.83 -17.00 -23.13
CA THR A 104 -11.05 -18.13 -23.59
C THR A 104 -10.76 -17.96 -25.09
N VAL A 105 -9.88 -18.80 -25.63
CA VAL A 105 -9.53 -18.75 -27.07
C VAL A 105 -10.77 -18.89 -27.98
N ASP A 106 -11.83 -19.48 -27.42
CA ASP A 106 -13.09 -19.76 -28.10
C ASP A 106 -14.01 -18.55 -28.13
N GLY A 107 -13.77 -17.59 -27.25
CA GLY A 107 -14.63 -16.41 -27.13
C GLY A 107 -15.66 -16.55 -26.01
N ARG A 108 -15.54 -17.60 -25.20
CA ARG A 108 -16.36 -17.77 -23.97
C ARG A 108 -15.71 -17.05 -22.78
N ASP A 109 -16.53 -16.44 -21.92
CA ASP A 109 -16.02 -15.76 -20.74
C ASP A 109 -15.30 -16.71 -19.78
N THR A 110 -14.10 -16.30 -19.35
CA THR A 110 -13.32 -16.97 -18.31
C THR A 110 -14.08 -17.15 -16.99
N TYR A 111 -15.06 -16.28 -16.74
CA TYR A 111 -15.87 -16.28 -15.51
C TYR A 111 -17.35 -16.61 -15.79
N GLU A 112 -17.62 -17.33 -16.88
CA GLU A 112 -18.99 -17.67 -17.28
C GLU A 112 -19.79 -18.34 -16.14
N GLU A 113 -19.14 -19.30 -15.50
CA GLU A 113 -19.75 -20.06 -14.40
C GLU A 113 -20.28 -19.13 -13.29
N VAL A 114 -19.37 -18.37 -12.69
CA VAL A 114 -19.69 -17.42 -11.62
C VAL A 114 -20.68 -16.36 -12.10
N LYS A 115 -20.52 -15.91 -13.34
CA LYS A 115 -21.40 -14.89 -13.90
C LYS A 115 -22.81 -15.43 -14.11
N GLN A 116 -22.92 -16.67 -14.61
CA GLN A 116 -24.21 -17.34 -14.79
C GLN A 116 -24.95 -17.53 -13.45
N ALA A 117 -24.22 -17.83 -12.39
CA ALA A 117 -24.81 -17.99 -11.06
C ALA A 117 -25.17 -16.65 -10.37
N GLY A 118 -24.94 -15.53 -11.06
CA GLY A 118 -25.24 -14.22 -10.48
C GLY A 118 -24.35 -13.83 -9.29
N ARG A 119 -23.15 -14.38 -9.22
CA ARG A 119 -22.24 -14.12 -8.09
C ARG A 119 -20.93 -13.42 -8.53
N TYR A 120 -21.08 -12.50 -9.45
CA TYR A 120 -19.95 -11.78 -10.02
C TYR A 120 -20.28 -10.30 -10.02
N ARG A 121 -19.33 -9.48 -9.55
CA ARG A 121 -19.48 -8.04 -9.54
C ARG A 121 -18.22 -7.42 -10.14
N GLU A 122 -18.41 -6.27 -10.78
CA GLU A 122 -17.32 -5.50 -11.35
C GLU A 122 -17.09 -4.24 -10.53
N CYS A 123 -15.83 -3.89 -10.37
CA CYS A 123 -15.53 -2.62 -9.72
C CYS A 123 -14.95 -1.69 -10.78
N LYS A 124 -14.91 -0.40 -10.47
CA LYS A 124 -14.35 0.58 -11.40
C LYS A 124 -12.83 0.48 -11.46
N ARG A 125 -12.26 0.58 -12.65
CA ARG A 125 -10.81 0.60 -12.87
C ARG A 125 -10.23 1.87 -12.26
N THR A 126 -9.01 1.80 -11.74
CA THR A 126 -8.43 2.95 -11.04
C THR A 126 -7.63 3.86 -11.97
N GLN A 127 -8.04 5.12 -12.05
CA GLN A 127 -7.36 6.14 -12.89
C GLN A 127 -5.93 6.44 -12.38
N GLY A 128 -4.98 6.55 -13.30
CA GLY A 128 -3.66 7.06 -12.97
C GLY A 128 -2.53 6.08 -12.79
N VAL A 129 -2.82 4.78 -12.76
CA VAL A 129 -1.76 3.80 -12.57
C VAL A 129 -2.07 2.48 -13.21
N SER A 130 -1.02 1.78 -13.59
CA SER A 130 -1.10 0.38 -13.94
C SER A 130 0.31 -0.15 -13.76
N THR A 131 0.43 -1.45 -13.75
CA THR A 131 1.73 -2.05 -13.48
C THR A 131 2.67 -1.77 -14.66
N THR A 132 2.16 -1.74 -15.88
CA THR A 132 3.02 -1.42 -17.06
C THR A 132 3.51 0.02 -17.06
N ASP A 133 2.65 0.93 -16.62
CA ASP A 133 3.02 2.32 -16.47
C ASP A 133 4.18 2.42 -15.49
N LEU A 134 4.08 1.76 -14.35
CA LEU A 134 5.10 1.85 -13.29
C LEU A 134 6.44 1.23 -13.73
N VAL A 135 6.36 0.08 -14.39
CA VAL A 135 7.51 -0.53 -15.06
C VAL A 135 8.17 0.50 -15.96
N GLY A 136 7.37 1.14 -16.80
CA GLY A 136 7.84 2.19 -17.67
C GLY A 136 8.61 3.28 -16.96
N ARG A 137 8.07 3.74 -15.83
CA ARG A 137 8.74 4.77 -15.05
C ARG A 137 10.08 4.26 -14.54
N MSE A 138 10.12 3.00 -14.16
CA MSE A 138 11.35 2.42 -13.63
C MSE A 138 12.46 2.24 -14.68
O MSE A 138 13.62 2.29 -14.32
CB MSE A 138 11.06 1.09 -12.96
CG MSE A 138 10.24 1.28 -11.73
SE MSE A 138 9.76 -0.41 -10.91
CE MSE A 138 7.82 -0.15 -10.72
N LEU A 139 12.10 2.04 -15.94
CA LEU A 139 13.09 1.95 -17.03
C LEU A 139 13.79 3.27 -17.31
N LEU A 140 13.16 4.40 -16.97
CA LEU A 140 13.87 5.69 -16.91
C LEU A 140 14.85 5.67 -15.72
N TRP A 172 13.62 16.94 -11.64
CA TRP A 172 12.39 16.14 -11.54
C TRP A 172 11.18 16.96 -11.91
N THR A 173 10.42 16.47 -12.88
CA THR A 173 9.22 17.20 -13.33
C THR A 173 7.94 16.37 -13.30
N GLY A 174 8.03 15.07 -12.97
CA GLY A 174 6.83 14.24 -12.76
C GLY A 174 6.21 13.71 -14.05
N VAL A 175 5.83 12.44 -14.04
CA VAL A 175 5.28 11.82 -15.27
C VAL A 175 3.82 11.34 -15.10
N SER A 176 3.37 11.09 -13.87
CA SER A 176 2.04 10.52 -13.62
C SER A 176 0.89 11.42 -14.09
N GLN A 177 -0.16 10.78 -14.61
CA GLN A 177 -1.36 11.50 -15.00
CA GLN A 177 -1.36 11.48 -15.03
C GLN A 177 -2.48 11.24 -13.99
N PHE A 178 -2.13 10.65 -12.85
CA PHE A 178 -3.06 10.55 -11.73
C PHE A 178 -3.71 11.91 -11.42
N LEU A 179 -5.02 11.88 -11.23
CA LEU A 179 -5.81 13.08 -10.92
C LEU A 179 -6.34 13.01 -9.48
N GLN A 180 -5.59 13.63 -8.56
CA GLN A 180 -5.92 13.53 -7.15
C GLN A 180 -7.09 14.45 -6.84
N THR A 181 -7.95 14.01 -5.93
CA THR A 181 -9.11 14.80 -5.54
C THR A 181 -9.38 14.71 -4.04
N SER A 182 -10.22 15.60 -3.52
CA SER A 182 -10.55 15.51 -2.11
C SER A 182 -11.25 14.20 -1.84
N GLN A 183 -12.09 13.77 -2.78
CA GLN A 183 -12.88 12.54 -2.61
C GLN A 183 -12.01 11.27 -2.56
N LYS A 184 -10.98 11.17 -3.38
CA LYS A 184 -10.07 9.99 -3.34
C LYS A 184 -9.34 9.91 -2.01
N ILE A 185 -8.99 11.06 -1.45
CA ILE A 185 -8.36 11.12 -0.14
C ILE A 185 -9.32 10.71 0.94
N ILE A 186 -10.54 11.20 0.84
CA ILE A 186 -11.58 10.81 1.79
C ILE A 186 -11.85 9.30 1.75
N GLN A 187 -11.90 8.75 0.54
CA GLN A 187 -12.11 7.30 0.39
C GLN A 187 -10.98 6.51 1.04
N PHE A 188 -9.76 7.01 0.96
CA PHE A 188 -8.65 6.23 1.50
C PHE A 188 -8.32 6.46 2.97
N ALA A 189 -8.69 7.62 3.50
CA ALA A 189 -8.30 8.05 4.83
C ALA A 189 -9.21 7.45 5.88
N SER A 190 -8.64 7.07 7.03
CA SER A 190 -9.41 6.60 8.18
CA SER A 190 -9.45 6.57 8.13
C SER A 190 -10.25 7.73 8.77
N GLY A 191 -9.75 8.95 8.64
CA GLY A 191 -10.49 10.12 9.08
C GLY A 191 -10.53 10.34 10.57
N LYS A 192 -9.70 9.66 11.35
CA LYS A 192 -9.79 9.75 12.82
C LYS A 192 -8.71 10.66 13.41
N GLU A 193 -9.07 11.40 14.45
CA GLU A 193 -8.13 12.22 15.18
C GLU A 193 -7.61 11.42 16.34
N PRO A 194 -6.42 11.78 16.85
CA PRO A 194 -5.88 11.07 18.01
C PRO A 194 -6.84 11.18 19.18
N GLN A 195 -7.06 10.07 19.87
CA GLN A 195 -7.97 10.03 21.02
C GLN A 195 -7.16 10.03 22.32
N PRO A 196 -7.81 10.34 23.46
CA PRO A 196 -7.06 10.21 24.72
C PRO A 196 -6.61 8.78 24.97
N GLY A 197 -5.38 8.62 25.43
CA GLY A 197 -4.82 7.28 25.60
C GLY A 197 -4.04 6.79 24.40
N GLU A 198 -4.07 7.52 23.28
CA GLU A 198 -3.37 7.08 22.08
C GLU A 198 -1.98 7.70 22.05
N THR A 199 -0.98 6.92 21.62
CA THR A 199 0.37 7.42 21.50
C THR A 199 0.61 7.83 20.03
N VAL A 200 0.94 9.09 19.85
CA VAL A 200 1.18 9.62 18.53
C VAL A 200 2.61 9.38 18.15
N ILE A 201 2.81 8.65 17.06
CA ILE A 201 4.12 8.29 16.62
C ILE A 201 4.36 8.79 15.20
N TYR A 202 5.44 9.53 14.98
CA TYR A 202 5.73 10.12 13.67
C TYR A 202 6.85 9.35 13.00
N VAL A 203 6.62 9.00 11.72
CA VAL A 203 7.65 8.46 10.87
C VAL A 203 7.64 9.31 9.62
N ALA A 204 8.76 9.40 8.94
CA ALA A 204 8.89 10.24 7.75
C ALA A 204 9.71 9.57 6.71
N GLY A 205 9.49 9.93 5.45
CA GLY A 205 10.37 9.46 4.38
C GLY A 205 9.79 9.69 3.01
N ALA A 206 10.36 9.02 1.99
CA ALA A 206 9.79 9.03 0.66
C ALA A 206 8.51 8.16 0.53
N PHE A 207 8.55 6.98 1.10
CA PHE A 207 7.55 5.95 0.91
C PHE A 207 7.15 5.79 -0.57
N ASP A 208 8.16 5.66 -1.41
CA ASP A 208 7.99 5.57 -2.84
C ASP A 208 7.84 4.10 -3.23
N LEU A 209 6.93 3.79 -4.16
CA LEU A 209 6.60 2.38 -4.49
C LEU A 209 6.38 1.55 -3.23
N PHE A 210 5.48 2.06 -2.37
CA PHE A 210 5.22 1.57 -1.03
C PHE A 210 5.18 0.06 -1.04
N HIS A 211 6.06 -0.55 -0.27
CA HIS A 211 6.40 -1.95 -0.47
C HIS A 211 6.52 -2.66 0.87
N ILE A 212 6.87 -3.94 0.79
CA ILE A 212 6.89 -4.80 1.97
C ILE A 212 7.96 -4.38 3.01
N GLY A 213 9.03 -3.74 2.58
CA GLY A 213 9.97 -3.16 3.53
C GLY A 213 9.32 -2.10 4.44
N HIS A 214 8.50 -1.25 3.84
CA HIS A 214 7.76 -0.20 4.57
C HIS A 214 6.73 -0.85 5.47
N VAL A 215 6.03 -1.87 4.96
CA VAL A 215 5.04 -2.56 5.80
C VAL A 215 5.70 -3.19 7.04
N ASP A 216 6.81 -3.89 6.84
CA ASP A 216 7.55 -4.45 7.97
C ASP A 216 8.00 -3.37 8.95
N PHE A 217 8.48 -2.25 8.43
CA PHE A 217 8.82 -1.15 9.33
C PHE A 217 7.61 -0.71 10.16
N LEU A 218 6.53 -0.40 9.46
CA LEU A 218 5.36 0.19 10.11
C LEU A 218 4.72 -0.77 11.11
N GLU A 219 4.74 -2.05 10.78
CA GLU A 219 4.21 -3.08 11.64
C GLU A 219 4.92 -3.15 12.96
N LYS A 220 6.25 -3.06 12.92
CA LYS A 220 7.03 -3.04 14.17
C LYS A 220 6.80 -1.76 14.97
N VAL A 221 6.79 -0.60 14.28
CA VAL A 221 6.46 0.68 14.93
C VAL A 221 5.11 0.59 15.64
N HIS A 222 4.16 -0.08 15.01
CA HIS A 222 2.79 -0.17 15.51
C HIS A 222 2.75 -0.96 16.84
N ARG A 223 3.72 -1.84 17.06
CA ARG A 223 3.83 -2.60 18.31
C ARG A 223 4.36 -1.82 19.51
N LEU A 224 4.91 -0.62 19.25
CA LEU A 224 5.55 0.19 20.30
C LEU A 224 4.60 0.80 21.33
N ALA A 225 3.31 0.79 21.07
CA ALA A 225 2.36 1.28 22.05
C ALA A 225 1.14 0.42 22.02
N GLU A 226 0.39 0.46 23.12
CA GLU A 226 -0.87 -0.24 23.19
C GLU A 226 -1.88 0.34 22.19
N ARG A 227 -1.94 1.68 22.09
CA ARG A 227 -2.90 2.33 21.18
C ARG A 227 -2.17 3.32 20.27
N PRO A 228 -1.49 2.81 19.26
CA PRO A 228 -0.62 3.65 18.46
C PRO A 228 -1.43 4.52 17.51
N TYR A 229 -0.97 5.74 17.27
CA TYR A 229 -1.54 6.57 16.21
C TYR A 229 -0.38 7.03 15.35
N ILE A 230 -0.17 6.35 14.22
CA ILE A 230 1.02 6.58 13.39
C ILE A 230 0.69 7.62 12.30
N ILE A 231 1.48 8.68 12.29
CA ILE A 231 1.45 9.70 11.28
C ILE A 231 2.67 9.47 10.40
N ALA A 232 2.44 9.24 9.12
CA ALA A 232 3.54 9.09 8.13
C ALA A 232 3.78 10.40 7.37
N GLY A 233 4.92 11.02 7.57
CA GLY A 233 5.27 12.25 6.85
C GLY A 233 5.87 11.94 5.49
N LEU A 234 5.27 12.45 4.42
CA LEU A 234 5.75 12.17 3.08
C LEU A 234 6.51 13.36 2.51
N HIS A 235 7.77 13.16 2.18
CA HIS A 235 8.59 14.27 1.67
C HIS A 235 8.10 14.72 0.30
N PHE A 236 8.30 16.00 0.01
CA PHE A 236 7.88 16.58 -1.27
C PHE A 236 8.66 15.90 -2.43
N ASP A 237 8.06 15.88 -3.61
CA ASP A 237 8.70 15.26 -4.76
C ASP A 237 10.07 15.86 -5.03
N GLN A 238 10.20 17.17 -4.99
CA GLN A 238 11.47 17.78 -5.34
C GLN A 238 12.55 17.41 -4.31
N GLU A 239 12.14 17.25 -3.06
CA GLU A 239 13.08 16.92 -2.00
C GLU A 239 13.57 15.51 -2.19
N VAL A 240 12.64 14.58 -2.47
CA VAL A 240 12.99 13.20 -2.68
C VAL A 240 13.96 13.10 -3.86
N ASN A 241 13.69 13.82 -4.93
CA ASN A 241 14.58 13.80 -6.08
C ASN A 241 15.97 14.30 -5.70
N HIS A 242 16.01 15.31 -4.85
CA HIS A 242 17.27 15.85 -4.44
C HIS A 242 18.11 14.81 -3.69
N TYR A 243 17.53 14.13 -2.72
CA TYR A 243 18.32 13.21 -1.89
C TYR A 243 18.37 11.76 -2.39
N LYS A 244 17.40 11.35 -3.20
CA LYS A 244 17.39 9.99 -3.72
C LYS A 244 17.95 9.98 -5.15
N GLY A 245 17.96 11.13 -5.81
CA GLY A 245 18.64 11.26 -7.09
C GLY A 245 17.89 10.72 -8.28
N LYS A 246 18.63 10.57 -9.38
CA LYS A 246 18.11 10.01 -10.61
C LYS A 246 16.77 10.64 -10.99
N ASN A 247 15.83 9.80 -11.38
CA ASN A 247 14.48 10.22 -11.75
C ASN A 247 13.50 9.98 -10.59
N TYR A 248 14.02 9.79 -9.38
CA TYR A 248 13.16 9.49 -8.24
C TYR A 248 12.48 10.76 -7.75
N PRO A 249 11.28 10.65 -7.17
CA PRO A 249 10.50 9.43 -6.91
C PRO A 249 9.81 8.90 -8.16
N ILE A 250 9.55 7.60 -8.18
CA ILE A 250 8.76 6.96 -9.22
C ILE A 250 7.31 7.47 -9.12
N MSE A 251 6.77 7.46 -7.90
CA MSE A 251 5.42 7.92 -7.65
C MSE A 251 5.40 9.32 -7.05
O MSE A 251 6.24 9.67 -6.20
CB MSE A 251 4.74 6.94 -6.72
CG MSE A 251 4.45 5.62 -7.41
SE MSE A 251 3.48 4.56 -6.15
CE MSE A 251 2.78 3.08 -7.27
N ASN A 252 4.44 10.14 -7.49
CA ASN A 252 4.41 11.52 -7.04
C ASN A 252 3.79 11.62 -5.64
N LEU A 253 3.78 12.80 -5.05
CA LEU A 253 3.34 12.93 -3.64
C LEU A 253 1.90 12.44 -3.46
N HIS A 254 1.08 12.67 -4.48
CA HIS A 254 -0.32 12.35 -4.38
C HIS A 254 -0.58 10.86 -4.47
N GLU A 255 0.18 10.18 -5.34
CA GLU A 255 0.15 8.72 -5.44
C GLU A 255 0.68 8.09 -4.15
N ARG A 256 1.76 8.64 -3.61
CA ARG A 256 2.36 8.08 -2.39
C ARG A 256 1.40 8.33 -1.22
N THR A 257 0.68 9.43 -1.24
CA THR A 257 -0.38 9.72 -0.25
C THR A 257 -1.35 8.53 -0.21
N LEU A 258 -1.91 8.14 -1.36
CA LEU A 258 -2.88 7.03 -1.36
C LEU A 258 -2.24 5.69 -0.94
N SER A 259 -1.02 5.44 -1.39
CA SER A 259 -0.30 4.20 -1.11
C SER A 259 -0.17 4.01 0.40
N VAL A 260 0.25 5.07 1.09
CA VAL A 260 0.45 4.99 2.56
C VAL A 260 -0.85 4.93 3.32
N LEU A 261 -1.85 5.68 2.90
CA LEU A 261 -3.16 5.65 3.56
C LEU A 261 -3.85 4.26 3.52
N ALA A 262 -3.57 3.46 2.48
CA ALA A 262 -4.14 2.09 2.39
C ALA A 262 -3.62 1.12 3.47
N CYS A 263 -2.49 1.44 4.08
CA CYS A 263 -1.85 0.55 5.05
C CYS A 263 -2.57 0.57 6.40
N ARG A 264 -2.89 -0.61 6.93
CA ARG A 264 -3.67 -0.68 8.17
C ARG A 264 -2.96 -0.08 9.39
N TYR A 265 -1.65 0.08 9.32
CA TYR A 265 -0.89 0.59 10.48
C TYR A 265 -0.87 2.12 10.55
N VAL A 266 -1.27 2.79 9.46
CA VAL A 266 -1.21 4.24 9.34
C VAL A 266 -2.54 4.91 9.70
N SER A 267 -2.47 5.91 10.58
CA SER A 267 -3.64 6.70 10.94
C SER A 267 -3.78 8.03 10.18
N GLU A 268 -2.67 8.64 9.82
CA GLU A 268 -2.66 9.95 9.18
C GLU A 268 -1.38 10.08 8.35
N VAL A 269 -1.44 10.93 7.34
CA VAL A 269 -0.30 11.31 6.49
C VAL A 269 -0.16 12.83 6.45
N VAL A 270 1.10 13.28 6.48
CA VAL A 270 1.48 14.65 6.22
C VAL A 270 1.83 14.69 4.74
N ILE A 271 0.96 15.33 3.98
CA ILE A 271 1.05 15.36 2.52
C ILE A 271 1.98 16.52 2.15
N GLY A 272 3.28 16.25 2.18
CA GLY A 272 4.32 17.27 1.99
C GLY A 272 4.92 17.64 3.34
N ALA A 273 5.81 16.78 3.83
CA ALA A 273 6.49 17.01 5.12
C ALA A 273 7.92 17.51 4.94
N PRO A 274 8.38 18.37 5.85
CA PRO A 274 9.75 18.86 5.77
C PRO A 274 10.76 17.74 5.98
N TYR A 275 11.93 17.88 5.40
CA TYR A 275 12.96 16.89 5.56
C TYR A 275 13.43 16.85 7.02
N ALA A 276 13.65 18.03 7.60
CA ALA A 276 13.99 18.12 9.00
C ALA A 276 12.74 17.89 9.81
N VAL A 277 12.82 17.00 10.80
CA VAL A 277 11.72 16.87 11.74
C VAL A 277 11.73 18.06 12.69
N THR A 278 10.89 19.06 12.40
CA THR A 278 10.99 20.34 13.08
C THR A 278 10.25 20.37 14.40
N ALA A 279 10.65 21.28 15.28
CA ALA A 279 9.96 21.48 16.56
C ALA A 279 8.49 21.88 16.31
N GLU A 280 8.25 22.69 15.27
CA GLU A 280 6.89 23.06 14.91
C GLU A 280 6.02 21.84 14.57
N LEU A 281 6.54 20.92 13.77
CA LEU A 281 5.81 19.71 13.43
C LEU A 281 5.51 18.87 14.67
N LEU A 282 6.53 18.68 15.50
CA LEU A 282 6.37 17.89 16.72
C LEU A 282 5.30 18.49 17.65
N SER A 283 5.24 19.82 17.80
CA SER A 283 4.22 20.41 18.69
C SER A 283 2.86 20.41 18.02
N HIS A 284 2.82 20.69 16.71
CA HIS A 284 1.54 20.76 15.98
C HIS A 284 0.77 19.46 16.07
N PHE A 285 1.47 18.34 15.93
CA PHE A 285 0.86 17.03 16.01
C PHE A 285 0.96 16.37 17.40
N LYS A 286 1.50 17.07 18.38
CA LYS A 286 1.65 16.54 19.75
C LYS A 286 2.30 15.16 19.73
N VAL A 287 3.43 15.09 19.03
CA VAL A 287 4.07 13.82 18.77
C VAL A 287 4.71 13.27 20.07
N ASP A 288 4.50 11.99 20.35
CA ASP A 288 5.05 11.33 21.53
C ASP A 288 6.35 10.62 21.22
N LEU A 289 6.45 10.10 20.00
CA LEU A 289 7.60 9.31 19.61
C LEU A 289 7.84 9.49 18.13
N VAL A 290 9.12 9.46 17.73
CA VAL A 290 9.54 9.53 16.34
C VAL A 290 10.41 8.33 16.01
N CYS A 291 10.08 7.59 14.96
CA CYS A 291 10.92 6.43 14.59
C CYS A 291 11.46 6.50 13.20
N HIS A 292 12.63 5.89 13.04
CA HIS A 292 13.20 5.69 11.72
C HIS A 292 13.73 4.28 11.71
N GLY A 293 13.84 3.69 10.52
CA GLY A 293 14.30 2.33 10.40
C GLY A 293 15.82 2.25 10.42
N LYS A 294 16.33 1.07 10.12
CA LYS A 294 17.78 0.88 10.09
C LYS A 294 18.36 1.19 8.73
N THR A 295 17.70 2.03 7.93
CA THR A 295 18.29 2.48 6.65
C THR A 295 19.09 3.74 6.90
N GLU A 296 19.90 4.11 5.92
CA GLU A 296 20.78 5.25 6.07
C GLU A 296 19.97 6.53 6.13
N ILE A 297 20.33 7.42 7.03
CA ILE A 297 19.72 8.73 7.10
C ILE A 297 20.66 9.66 6.39
N ILE A 298 20.22 10.26 5.29
CA ILE A 298 21.03 11.22 4.59
C ILE A 298 20.96 12.57 5.34
N PRO A 299 22.10 13.27 5.47
CA PRO A 299 22.05 14.56 6.15
C PRO A 299 21.20 15.60 5.42
N ASP A 300 20.78 16.61 6.14
CA ASP A 300 19.97 17.69 5.58
C ASP A 300 20.88 18.59 4.76
N ARG A 301 20.26 19.37 3.87
CA ARG A 301 20.93 20.45 3.08
C ARG A 301 22.14 21.08 3.78
N ASP A 302 21.95 21.48 5.04
CA ASP A 302 22.96 22.18 5.84
C ASP A 302 23.93 21.25 6.59
N GLY A 303 23.92 19.96 6.27
CA GLY A 303 24.76 18.98 6.96
C GLY A 303 24.19 18.43 8.27
N SER A 304 23.07 18.96 8.74
CA SER A 304 22.55 18.57 10.04
C SER A 304 21.84 17.22 10.03
N ASP A 305 21.62 16.69 11.22
CA ASP A 305 20.84 15.47 11.37
C ASP A 305 19.35 15.88 11.30
N PRO A 306 18.62 15.39 10.27
CA PRO A 306 17.18 15.72 10.22
C PRO A 306 16.34 15.23 11.42
N TYR A 307 16.87 14.29 12.19
CA TYR A 307 16.24 13.87 13.46
C TYR A 307 16.82 14.52 14.73
N GLN A 308 17.55 15.60 14.60
CA GLN A 308 18.20 16.18 15.79
C GLN A 308 17.22 16.67 16.86
N GLU A 309 16.09 17.25 16.46
CA GLU A 309 15.12 17.78 17.43
CA GLU A 309 15.14 17.78 17.44
C GLU A 309 14.46 16.67 18.26
N PRO A 310 13.90 15.64 17.60
CA PRO A 310 13.37 14.56 18.42
C PRO A 310 14.44 13.84 19.29
N LYS A 311 15.65 13.70 18.77
CA LYS A 311 16.75 13.15 19.56
C LYS A 311 17.01 14.01 20.81
N ARG A 312 17.11 15.34 20.67
CA ARG A 312 17.26 16.28 21.82
C ARG A 312 16.16 16.16 22.83
N ARG A 313 14.94 15.88 22.34
CA ARG A 313 13.79 15.74 23.21
CA ARG A 313 13.76 15.73 23.19
C ARG A 313 13.74 14.40 23.92
N GLY A 314 14.56 13.47 23.46
CA GLY A 314 14.56 12.12 24.01
C GLY A 314 13.45 11.19 23.49
N ILE A 315 12.84 11.54 22.35
CA ILE A 315 11.68 10.80 21.82
C ILE A 315 11.93 10.06 20.52
N PHE A 316 13.20 9.99 20.10
CA PHE A 316 13.59 9.26 18.90
C PHE A 316 13.90 7.79 19.20
N ARG A 317 13.39 6.87 18.38
CA ARG A 317 13.70 5.45 18.52
C ARG A 317 14.01 4.86 17.15
N GLN A 318 15.13 4.15 17.02
CA GLN A 318 15.44 3.40 15.80
C GLN A 318 14.77 2.01 15.88
N ILE A 319 14.12 1.61 14.80
CA ILE A 319 13.40 0.35 14.74
C ILE A 319 13.97 -0.44 13.57
N ASP A 320 14.35 -1.69 13.81
CA ASP A 320 14.82 -2.57 12.75
C ASP A 320 13.61 -3.25 12.12
N SER A 321 13.35 -2.96 10.86
CA SER A 321 12.21 -3.58 10.16
C SER A 321 12.44 -5.06 9.84
N GLY A 322 13.70 -5.47 9.80
CA GLY A 322 14.06 -6.86 9.46
C GLY A 322 14.03 -7.09 7.96
N SER A 323 13.77 -6.03 7.19
CA SER A 323 13.76 -6.11 5.73
C SER A 323 14.82 -5.21 5.15
N ASN A 324 15.45 -5.70 4.09
CA ASN A 324 16.44 -4.94 3.35
C ASN A 324 15.85 -4.37 2.06
N LEU A 325 14.55 -4.55 1.84
CA LEU A 325 13.94 -4.12 0.58
C LEU A 325 13.87 -2.59 0.57
N THR A 326 14.37 -2.01 -0.52
CA THR A 326 14.26 -0.58 -0.80
C THR A 326 13.70 -0.38 -2.17
N THR A 327 13.26 0.85 -2.40
CA THR A 327 12.71 1.21 -3.68
C THR A 327 13.73 0.93 -4.78
N ASP A 328 14.98 1.25 -4.49
CA ASP A 328 16.08 0.98 -5.43
C ASP A 328 16.20 -0.49 -5.80
N LEU A 329 16.12 -1.37 -4.81
CA LEU A 329 16.19 -2.81 -5.06
C LEU A 329 14.94 -3.36 -5.80
N ILE A 330 13.76 -2.75 -5.60
CA ILE A 330 12.57 -3.16 -6.35
C ILE A 330 12.74 -2.86 -7.80
N VAL A 331 13.21 -1.65 -8.09
CA VAL A 331 13.54 -1.28 -9.46
C VAL A 331 14.43 -2.36 -10.07
N GLN A 332 15.38 -2.86 -9.29
CA GLN A 332 16.29 -3.90 -9.75
C GLN A 332 15.61 -5.25 -9.94
N ARG A 333 14.81 -5.68 -8.97
CA ARG A 333 14.08 -6.94 -9.15
C ARG A 333 13.10 -6.90 -10.33
N ILE A 334 12.52 -5.74 -10.61
CA ILE A 334 11.48 -5.64 -11.64
C ILE A 334 12.06 -5.50 -13.04
N ILE A 335 13.12 -4.72 -13.20
CA ILE A 335 13.73 -4.61 -14.53
C ILE A 335 14.48 -5.91 -14.88
N THR A 336 15.16 -6.52 -13.90
CA THR A 336 15.87 -7.79 -14.11
C THR A 336 15.04 -8.94 -13.57
O3P C5P B . 12.11 7.12 3.06
P C5P B . 12.05 5.64 2.87
O1P C5P B . 10.88 5.27 1.94
O2P C5P B . 13.36 5.11 2.28
O5' C5P B . 11.75 4.81 4.23
C5' C5P B . 10.70 5.20 5.10
C4' C5P B . 10.83 4.60 6.50
O4' C5P B . 10.76 3.19 6.40
C3' C5P B . 12.21 4.91 7.10
O3' C5P B . 12.08 5.07 8.50
C2' C5P B . 13.05 3.69 6.77
O2' C5P B . 14.14 3.51 7.67
C1' C5P B . 11.99 2.62 6.98
N1 C5P B . 12.35 1.41 6.24
C2 C5P B . 12.77 0.26 6.97
N3 C5P B . 13.11 -0.89 6.32
C4 C5P B . 13.08 -0.94 4.93
C5 C5P B . 12.68 0.18 4.19
C6 C5P B . 12.33 1.35 4.83
O2 C5P B . 12.80 0.29 8.20
N4 C5P B . 13.41 -2.07 4.32
C1 GOL C . 4.21 -7.80 -3.36
O1 GOL C . 3.57 -7.91 -4.61
C2 GOL C . 4.88 -6.42 -3.28
O2 GOL C . 3.93 -5.39 -3.47
C3 GOL C . 5.55 -6.23 -1.93
O3 GOL C . 6.30 -5.03 -1.96
#